data_6NP1
#
_entry.id   6NP1
#
_cell.length_a   85.349
_cell.length_b   86.576
_cell.length_c   50.352
_cell.angle_alpha   90.000
_cell.angle_beta   118.920
_cell.angle_gamma   90.000
#
_symmetry.space_group_name_H-M   'C 1 2 1'
#
loop_
_entity.id
_entity.type
_entity.pdbx_description
1 polymer 'Aminoglycoside N(3)-acetyltransferase'
2 non-polymer 'MAGNESIUM ION'
3 water water
#
_entity_poly.entity_id   1
_entity_poly.type   'polypeptide(L)'
_entity_poly.pdbx_seq_one_letter_code
;TPWSKSELVRQLRDLGVRSGDMVMPHVSLRAVGPLADGPQTLVDALIEAVGPTGNILAFVSWRDSPYEQTLGHDAPPAAI
AQSWPAFDPDHAPAYPGFGAINEFIRTYPGCRRSAHPDASMAAIGPDAAWLVAPHEMGAAYGPRSPIARFLAHAGKILSI
GAGPDAVTALHYAEAVARIEGKRRVTYSMPLLREGKRVWVTTSDWDSNGILDEYAAPDGPDAVERIARDYLARTRVAQGP
VGGAQSRLIDAADIVSFGIEWLEARHAA
;
_entity_poly.pdbx_strand_id   A
#
loop_
_chem_comp.id
_chem_comp.type
_chem_comp.name
_chem_comp.formula
MG non-polymer 'MAGNESIUM ION' 'Mg 2'
#
# COMPACT_ATOMS: atom_id res chain seq x y z
N THR A 1 -30.58 3.46 -1.53
CA THR A 1 -30.45 2.01 -1.43
C THR A 1 -29.00 1.57 -1.30
N PRO A 2 -28.69 0.75 -0.30
CA PRO A 2 -27.30 0.28 -0.13
C PRO A 2 -26.81 -0.42 -1.40
N TRP A 3 -25.54 -0.19 -1.74
CA TRP A 3 -24.96 -0.80 -2.93
C TRP A 3 -24.85 -2.31 -2.76
N SER A 4 -25.27 -3.05 -3.79
CA SER A 4 -25.19 -4.50 -3.76
C SER A 4 -23.85 -4.97 -4.35
N LYS A 5 -23.45 -6.18 -3.96
CA LYS A 5 -22.25 -6.78 -4.53
C LYS A 5 -22.29 -6.78 -6.06
N SER A 6 -23.40 -7.25 -6.64
CA SER A 6 -23.46 -7.37 -8.09
C SER A 6 -23.43 -6.01 -8.78
N GLU A 7 -23.96 -4.96 -8.14
CA GLU A 7 -23.85 -3.62 -8.72
C GLU A 7 -22.39 -3.17 -8.77
N LEU A 8 -21.66 -3.40 -7.66
CA LEU A 8 -20.26 -3.01 -7.59
C LEU A 8 -19.44 -3.76 -8.63
N VAL A 9 -19.70 -5.05 -8.80
CA VAL A 9 -18.96 -5.85 -9.77
C VAL A 9 -19.14 -5.31 -11.18
N ARG A 10 -20.36 -4.91 -11.55
CA ARG A 10 -20.58 -4.34 -12.88
C ARG A 10 -19.81 -3.02 -13.05
N GLN A 11 -19.79 -2.20 -12.02
CA GLN A 11 -19.03 -0.96 -12.09
C GLN A 11 -17.54 -1.23 -12.25
N LEU A 12 -17.03 -2.25 -11.55
CA LEU A 12 -15.61 -2.57 -11.65
C LEU A 12 -15.26 -3.02 -13.06
N ARG A 13 -16.11 -3.86 -13.66
CA ARG A 13 -15.82 -4.28 -15.02
C ARG A 13 -15.93 -3.10 -15.98
N ASP A 14 -16.92 -2.21 -15.77
CA ASP A 14 -17.04 -0.99 -16.59
C ASP A 14 -15.74 -0.19 -16.52
N LEU A 15 -15.12 -0.13 -15.34
CA LEU A 15 -13.88 0.61 -15.16
C LEU A 15 -12.68 -0.03 -15.86
N GLY A 16 -12.75 -1.33 -16.14
CA GLY A 16 -11.68 -2.02 -16.83
C GLY A 16 -11.06 -3.18 -16.05
N VAL A 17 -11.56 -3.50 -14.85
CA VAL A 17 -11.06 -4.67 -14.12
C VAL A 17 -11.49 -5.91 -14.87
N ARG A 18 -10.53 -6.78 -15.18
CA ARG A 18 -10.79 -8.01 -15.95
C ARG A 18 -10.43 -9.23 -15.09
N SER A 19 -11.07 -10.36 -15.42
CA SER A 19 -10.65 -11.61 -14.81
C SER A 19 -9.17 -11.85 -15.05
N GLY A 20 -8.46 -12.16 -13.98
CA GLY A 20 -7.04 -12.42 -14.05
C GLY A 20 -6.18 -11.25 -13.64
N ASP A 21 -6.78 -10.09 -13.44
CA ASP A 21 -6.00 -8.91 -13.11
C ASP A 21 -5.33 -9.04 -11.73
N MET A 22 -4.28 -8.21 -11.57
CA MET A 22 -3.53 -7.98 -10.33
C MET A 22 -3.84 -6.54 -9.87
N VAL A 23 -4.62 -6.40 -8.80
CA VAL A 23 -5.12 -5.07 -8.41
C VAL A 23 -4.68 -4.73 -6.98
N MET A 24 -4.22 -3.51 -6.81
CA MET A 24 -3.98 -2.93 -5.46
C MET A 24 -4.96 -1.79 -5.19
N PRO A 25 -5.89 -1.94 -4.23
CA PRO A 25 -6.95 -0.95 -4.02
C PRO A 25 -6.59 0.09 -2.95
N HIS A 26 -7.11 1.30 -3.18
CA HIS A 26 -7.04 2.38 -2.18
C HIS A 26 -8.46 2.95 -2.12
N VAL A 27 -9.11 2.88 -0.96
CA VAL A 27 -10.57 3.03 -0.90
C VAL A 27 -10.94 4.08 0.13
N SER A 28 -11.86 4.98 -0.23
CA SER A 28 -12.54 5.85 0.75
C SER A 28 -13.97 5.32 0.94
N LEU A 29 -14.19 4.65 2.07
CA LEU A 29 -15.49 4.02 2.30
C LEU A 29 -16.61 5.03 2.42
N ARG A 30 -16.34 6.20 3.00
CA ARG A 30 -17.41 7.19 3.08
C ARG A 30 -17.80 7.69 1.70
N ALA A 31 -16.84 7.74 0.77
CA ALA A 31 -17.17 8.12 -0.60
C ALA A 31 -18.01 7.05 -1.30
N VAL A 32 -17.77 5.77 -1.00
CA VAL A 32 -18.52 4.72 -1.68
C VAL A 32 -19.99 4.75 -1.26
N GLY A 33 -20.26 4.97 0.02
CA GLY A 33 -21.62 4.99 0.49
C GLY A 33 -22.04 3.67 1.11
N PRO A 34 -23.23 3.65 1.70
CA PRO A 34 -23.71 2.42 2.37
C PRO A 34 -23.69 1.22 1.42
N LEU A 35 -23.14 0.12 1.92
CA LEU A 35 -23.07 -1.13 1.21
C LEU A 35 -24.08 -2.10 1.82
N ALA A 36 -24.52 -3.07 1.03
CA ALA A 36 -25.54 -3.99 1.50
C ALA A 36 -25.13 -4.71 2.78
N ASP A 37 -23.83 -4.96 2.96
CA ASP A 37 -23.33 -5.72 4.10
C ASP A 37 -22.06 -5.09 4.66
N GLY A 38 -21.96 -3.77 4.59
CA GLY A 38 -20.76 -3.11 5.04
C GLY A 38 -19.59 -3.37 4.08
N PRO A 39 -18.38 -3.05 4.54
CA PRO A 39 -17.22 -3.11 3.64
C PRO A 39 -16.95 -4.47 3.04
N GLN A 40 -17.38 -5.57 3.70
CA GLN A 40 -17.19 -6.89 3.12
C GLN A 40 -17.79 -7.00 1.73
N THR A 41 -18.87 -6.27 1.47
CA THR A 41 -19.51 -6.31 0.16
C THR A 41 -18.54 -5.89 -0.93
N LEU A 42 -17.78 -4.81 -0.68
CA LEU A 42 -16.80 -4.35 -1.65
C LEU A 42 -15.63 -5.33 -1.77
N VAL A 43 -15.15 -5.89 -0.64
CA VAL A 43 -14.11 -6.91 -0.71
C VAL A 43 -14.59 -8.08 -1.56
N ASP A 44 -15.82 -8.54 -1.29
CA ASP A 44 -16.44 -9.59 -2.10
C ASP A 44 -16.50 -9.18 -3.56
N ALA A 45 -16.84 -7.92 -3.83
CA ALA A 45 -16.95 -7.48 -5.22
C ALA A 45 -15.58 -7.49 -5.91
N LEU A 46 -14.52 -7.11 -5.19
CA LEU A 46 -13.21 -7.05 -5.82
C LEU A 46 -12.70 -8.45 -6.12
N ILE A 47 -12.91 -9.39 -5.18
CA ILE A 47 -12.49 -10.77 -5.42
C ILE A 47 -13.23 -11.35 -6.62
N GLU A 48 -14.52 -11.05 -6.75
CA GLU A 48 -15.28 -11.57 -7.90
C GLU A 48 -14.79 -10.96 -9.21
N ALA A 49 -14.49 -9.66 -9.19
CA ALA A 49 -14.06 -8.96 -10.40
C ALA A 49 -12.73 -9.50 -10.91
N VAL A 50 -11.75 -9.77 -10.04
CA VAL A 50 -10.49 -10.31 -10.55
C VAL A 50 -10.54 -11.80 -10.80
N GLY A 51 -11.58 -12.49 -10.34
CA GLY A 51 -11.73 -13.92 -10.59
C GLY A 51 -10.74 -14.84 -9.89
N PRO A 52 -10.88 -16.14 -10.12
CA PRO A 52 -10.07 -17.09 -9.38
C PRO A 52 -8.62 -17.19 -9.84
N THR A 53 -8.26 -16.57 -11.00
CA THR A 53 -6.86 -16.47 -11.35
C THR A 53 -6.29 -15.09 -11.04
N GLY A 54 -7.11 -14.17 -10.56
CA GLY A 54 -6.63 -12.81 -10.31
C GLY A 54 -6.03 -12.72 -8.90
N ASN A 55 -5.50 -11.54 -8.58
CA ASN A 55 -4.86 -11.30 -7.28
C ASN A 55 -5.16 -9.87 -6.79
N ILE A 56 -5.32 -9.77 -5.47
CA ILE A 56 -5.41 -8.48 -4.76
C ILE A 56 -4.19 -8.32 -3.86
N LEU A 57 -3.62 -7.11 -3.89
CA LEU A 57 -2.55 -6.75 -2.98
C LEU A 57 -2.95 -5.46 -2.27
N ALA A 58 -2.87 -5.46 -0.95
CA ALA A 58 -3.26 -4.28 -0.19
C ALA A 58 -2.16 -3.90 0.79
N PHE A 59 -1.92 -2.59 0.91
CA PHE A 59 -1.02 -2.10 1.97
C PHE A 59 -1.77 -1.94 3.29
N VAL A 60 -1.54 -2.85 4.22
CA VAL A 60 -2.34 -2.88 5.44
C VAL A 60 -1.58 -2.39 6.66
N SER A 61 -0.24 -2.54 6.68
CA SER A 61 0.57 -2.08 7.85
C SER A 61 0.08 -2.78 9.11
N TRP A 62 0.16 -2.04 10.23
CA TRP A 62 -0.07 -2.61 11.55
C TRP A 62 -0.65 -1.52 12.44
N ARG A 63 -1.80 -1.80 13.07
CA ARG A 63 -2.42 -0.83 13.99
C ARG A 63 -1.45 -0.33 15.05
N ASP A 64 -0.58 -1.21 15.57
CA ASP A 64 0.33 -0.89 16.68
C ASP A 64 1.79 -0.84 16.24
N SER A 65 2.07 -0.33 15.03
CA SER A 65 3.48 -0.21 14.67
C SER A 65 4.18 0.80 15.60
N PRO A 66 5.33 0.43 16.16
CA PRO A 66 6.08 1.38 17.00
C PRO A 66 7.04 2.25 16.21
N TYR A 67 6.59 2.69 15.03
CA TYR A 67 7.41 3.51 14.15
C TYR A 67 7.84 4.80 14.83
N GLU A 68 6.88 5.65 15.21
CA GLU A 68 7.19 6.93 15.81
C GLU A 68 7.92 6.77 17.15
N GLN A 69 7.63 5.67 17.86
CA GLN A 69 8.21 5.46 19.19
C GLN A 69 9.66 5.01 19.13
N THR A 70 10.13 4.56 17.97
CA THR A 70 11.50 4.11 17.83
C THR A 70 12.24 4.96 16.81
N LEU A 71 11.52 5.87 16.17
CA LEU A 71 12.06 6.70 15.10
C LEU A 71 13.24 7.53 15.60
N GLY A 72 14.40 7.42 14.91
CA GLY A 72 15.55 8.25 15.21
C GLY A 72 16.50 7.70 16.27
N HIS A 73 16.17 6.58 16.90
CA HIS A 73 17.01 5.94 17.92
C HIS A 73 17.74 4.74 17.35
N ASP A 74 18.98 4.53 17.79
CA ASP A 74 19.71 3.37 17.27
C ASP A 74 19.35 2.07 17.98
N ALA A 75 18.43 2.13 18.93
CA ALA A 75 17.82 0.97 19.55
C ALA A 75 16.47 1.40 20.10
N PRO A 76 15.53 0.47 20.30
CA PRO A 76 14.22 0.89 20.85
C PRO A 76 14.39 1.38 22.28
N PRO A 77 13.74 2.48 22.64
CA PRO A 77 13.82 2.96 24.04
C PRO A 77 13.41 1.86 25.00
N ALA A 78 14.11 1.80 26.13
CA ALA A 78 13.91 0.75 27.13
C ALA A 78 12.44 0.41 27.40
N ALA A 79 11.60 1.43 27.61
CA ALA A 79 10.22 1.11 27.99
C ALA A 79 9.45 0.53 26.81
N ILE A 80 9.78 0.98 25.61
CA ILE A 80 9.20 0.38 24.41
C ILE A 80 9.68 -1.05 24.25
N ALA A 81 10.99 -1.25 24.34
CA ALA A 81 11.60 -2.55 24.14
C ALA A 81 11.00 -3.60 25.08
N GLN A 82 10.73 -3.23 26.33
N GLN A 82 10.75 -3.23 26.33
CA GLN A 82 10.33 -4.24 27.28
CA GLN A 82 10.31 -4.25 27.27
C GLN A 82 8.89 -4.71 27.05
C GLN A 82 8.90 -4.73 26.97
N SER A 83 7.98 -3.83 26.59
CA SER A 83 6.56 -4.18 26.57
C SER A 83 5.89 -4.22 25.21
N TRP A 84 6.55 -3.84 24.15
CA TRP A 84 5.81 -3.83 22.90
C TRP A 84 5.52 -5.25 22.43
N PRO A 85 4.32 -5.52 21.89
CA PRO A 85 4.05 -6.85 21.31
C PRO A 85 4.86 -7.10 20.05
N ALA A 86 5.36 -8.32 19.92
CA ALA A 86 5.98 -8.70 18.66
C ALA A 86 4.93 -8.72 17.57
N PHE A 87 5.33 -8.36 16.34
CA PHE A 87 4.39 -8.39 15.25
C PHE A 87 4.06 -9.83 14.89
N ASP A 88 2.79 -10.18 14.96
CA ASP A 88 2.36 -11.53 14.65
C ASP A 88 1.48 -11.42 13.43
N PRO A 89 1.95 -11.82 12.24
CA PRO A 89 1.13 -11.60 11.04
C PRO A 89 -0.25 -12.26 11.08
N ASP A 90 -0.47 -13.32 11.87
CA ASP A 90 -1.78 -13.95 11.87
C ASP A 90 -2.82 -13.20 12.71
N HIS A 91 -2.40 -12.33 13.64
CA HIS A 91 -3.34 -11.69 14.55
C HIS A 91 -3.22 -10.18 14.62
N ALA A 92 -2.12 -9.58 14.12
CA ALA A 92 -1.93 -8.13 14.17
C ALA A 92 -2.95 -7.38 13.32
N PRO A 93 -3.77 -6.51 13.91
CA PRO A 93 -4.76 -5.79 13.11
C PRO A 93 -4.11 -4.77 12.17
N ALA A 94 -4.83 -4.49 11.08
CA ALA A 94 -4.40 -3.50 10.10
C ALA A 94 -4.38 -2.09 10.69
N TYR A 95 -3.61 -1.21 10.06
CA TYR A 95 -3.55 0.20 10.46
C TYR A 95 -4.80 0.94 9.99
N PRO A 96 -5.55 1.56 10.91
CA PRO A 96 -6.86 2.12 10.52
C PRO A 96 -6.75 3.33 9.61
N GLY A 97 -5.61 4.01 9.58
CA GLY A 97 -5.50 5.26 8.83
C GLY A 97 -5.48 5.10 7.32
N PHE A 98 -5.28 3.88 6.82
CA PHE A 98 -5.32 3.67 5.38
C PHE A 98 -6.69 3.28 4.88
N GLY A 99 -7.68 3.23 5.76
CA GLY A 99 -9.02 2.82 5.40
C GLY A 99 -9.47 1.59 6.16
N ALA A 100 -10.75 1.55 6.51
CA ALA A 100 -11.29 0.42 7.25
C ALA A 100 -11.41 -0.85 6.40
N ILE A 101 -11.25 -0.77 5.07
CA ILE A 101 -11.40 -1.98 4.27
C ILE A 101 -10.24 -2.95 4.52
N ASN A 102 -9.07 -2.44 4.93
CA ASN A 102 -7.90 -3.32 4.97
C ASN A 102 -7.98 -4.37 6.04
N GLU A 103 -8.66 -4.09 7.14
CA GLU A 103 -8.85 -5.15 8.13
C GLU A 103 -9.72 -6.27 7.58
N PHE A 104 -10.71 -5.93 6.74
CA PHE A 104 -11.54 -6.94 6.10
C PHE A 104 -10.74 -7.75 5.08
N ILE A 105 -9.84 -7.09 4.34
CA ILE A 105 -8.99 -7.83 3.41
C ILE A 105 -8.09 -8.80 4.16
N ARG A 106 -7.39 -8.31 5.18
CA ARG A 106 -6.36 -9.18 5.75
C ARG A 106 -6.94 -10.38 6.51
N THR A 107 -8.19 -10.32 6.97
CA THR A 107 -8.82 -11.44 7.67
C THR A 107 -9.61 -12.34 6.72
N TYR A 108 -9.54 -12.08 5.43
CA TYR A 108 -10.20 -12.95 4.46
C TYR A 108 -9.50 -14.32 4.46
N PRO A 109 -10.25 -15.42 4.39
CA PRO A 109 -9.62 -16.74 4.46
C PRO A 109 -8.67 -16.99 3.29
N GLY A 110 -7.47 -17.49 3.59
CA GLY A 110 -6.45 -17.67 2.58
C GLY A 110 -5.60 -16.44 2.31
N CYS A 111 -5.95 -15.30 2.88
CA CYS A 111 -5.10 -14.12 2.71
C CYS A 111 -3.70 -14.40 3.26
N ARG A 112 -2.66 -14.01 2.52
CA ARG A 112 -1.29 -14.04 3.01
C ARG A 112 -0.83 -12.64 3.43
N ARG A 113 0.14 -12.60 4.33
CA ARG A 113 0.57 -11.35 4.96
C ARG A 113 2.10 -11.28 4.96
N SER A 114 2.64 -10.12 4.56
CA SER A 114 4.09 -10.00 4.50
C SER A 114 4.69 -9.67 5.87
N ALA A 115 5.99 -9.94 5.99
CA ALA A 115 6.66 -10.01 7.29
C ALA A 115 7.13 -8.67 7.82
N HIS A 116 7.12 -7.63 7.02
CA HIS A 116 7.54 -6.29 7.44
C HIS A 116 6.45 -5.65 8.30
N PRO A 117 6.65 -5.45 9.61
CA PRO A 117 5.53 -4.96 10.41
C PRO A 117 5.03 -3.58 10.01
N ASP A 118 5.91 -2.62 9.66
CA ASP A 118 5.38 -1.30 9.37
C ASP A 118 4.88 -1.20 7.93
N ALA A 119 5.48 -1.97 7.03
CA ALA A 119 5.11 -1.89 5.60
C ALA A 119 4.23 -3.08 5.19
N SER A 120 3.58 -3.73 6.14
CA SER A 120 3.00 -5.05 5.88
C SER A 120 1.94 -5.02 4.78
N MET A 121 2.03 -6.02 3.88
CA MET A 121 1.15 -6.12 2.74
C MET A 121 0.33 -7.38 2.91
N ALA A 122 -0.93 -7.34 2.48
CA ALA A 122 -1.78 -8.53 2.45
C ALA A 122 -2.10 -8.86 1.01
N ALA A 123 -2.14 -10.17 0.70
CA ALA A 123 -2.47 -10.57 -0.67
C ALA A 123 -3.43 -11.74 -0.72
N ILE A 124 -4.37 -11.67 -1.65
CA ILE A 124 -5.37 -12.72 -1.87
C ILE A 124 -5.22 -13.16 -3.32
N GLY A 125 -5.16 -14.50 -3.54
CA GLY A 125 -5.11 -15.02 -4.90
C GLY A 125 -4.02 -16.06 -5.07
N PRO A 126 -3.93 -16.64 -6.28
CA PRO A 126 -3.00 -17.77 -6.48
C PRO A 126 -1.55 -17.39 -6.38
N ASP A 127 -1.19 -16.11 -6.64
CA ASP A 127 0.19 -15.65 -6.53
C ASP A 127 0.47 -14.94 -5.22
N ALA A 128 -0.42 -15.11 -4.23
CA ALA A 128 -0.26 -14.37 -2.96
C ALA A 128 1.06 -14.69 -2.27
N ALA A 129 1.46 -15.97 -2.21
CA ALA A 129 2.69 -16.25 -1.46
C ALA A 129 3.90 -15.66 -2.17
N TRP A 130 3.88 -15.66 -3.50
CA TRP A 130 4.95 -15.04 -4.24
C TRP A 130 4.95 -13.52 -4.05
N LEU A 131 3.78 -12.91 -3.91
CA LEU A 131 3.74 -11.46 -3.72
C LEU A 131 4.30 -11.05 -2.35
N VAL A 132 3.98 -11.82 -1.30
CA VAL A 132 4.24 -11.24 0.03
C VAL A 132 5.62 -11.55 0.59
N ALA A 133 6.37 -12.46 -0.03
CA ALA A 133 7.69 -12.76 0.50
C ALA A 133 8.68 -12.86 -0.64
N PRO A 134 9.89 -12.34 -0.46
CA PRO A 134 10.43 -11.78 0.79
C PRO A 134 9.93 -10.38 1.11
N HIS A 135 9.87 -10.00 2.41
CA HIS A 135 9.61 -8.60 2.72
C HIS A 135 10.51 -8.24 3.91
N GLU A 136 11.71 -7.76 3.60
N GLU A 136 11.72 -7.80 3.62
CA GLU A 136 12.78 -7.59 4.58
CA GLU A 136 12.73 -7.66 4.67
C GLU A 136 12.79 -6.20 5.19
C GLU A 136 12.82 -6.24 5.18
N MET A 137 13.21 -6.11 6.46
CA MET A 137 13.52 -4.81 7.01
C MET A 137 14.58 -4.10 6.17
N GLY A 138 14.35 -2.83 5.86
CA GLY A 138 15.23 -2.03 5.04
C GLY A 138 14.86 -2.05 3.57
N ALA A 139 13.73 -2.69 3.24
CA ALA A 139 13.25 -2.83 1.87
C ALA A 139 11.73 -2.73 1.90
N ALA A 140 11.24 -1.61 2.45
CA ALA A 140 9.81 -1.43 2.67
C ALA A 140 9.03 -1.40 1.34
N TYR A 141 9.44 -0.55 0.38
CA TYR A 141 8.62 -0.31 -0.80
C TYR A 141 9.43 -0.37 -2.10
N GLY A 142 10.72 -0.68 -2.03
CA GLY A 142 11.57 -0.60 -3.20
C GLY A 142 11.87 -1.95 -3.78
N PRO A 143 12.98 -2.08 -4.53
CA PRO A 143 13.39 -3.39 -5.04
C PRO A 143 13.35 -4.45 -3.94
N ARG A 144 13.00 -5.68 -4.33
CA ARG A 144 12.84 -6.87 -3.49
C ARG A 144 11.60 -6.86 -2.63
N SER A 145 10.80 -5.80 -2.63
CA SER A 145 9.59 -5.73 -1.83
C SER A 145 8.39 -6.24 -2.60
N PRO A 146 7.26 -6.49 -1.91
CA PRO A 146 6.04 -6.84 -2.64
C PRO A 146 5.64 -5.81 -3.70
N ILE A 147 5.88 -4.51 -3.45
CA ILE A 147 5.56 -3.50 -4.46
C ILE A 147 6.36 -3.78 -5.72
N ALA A 148 7.63 -4.16 -5.57
CA ALA A 148 8.45 -4.47 -6.74
C ALA A 148 7.86 -5.60 -7.59
N ARG A 149 7.42 -6.68 -6.95
CA ARG A 149 6.85 -7.82 -7.65
C ARG A 149 5.48 -7.45 -8.24
N PHE A 150 4.70 -6.62 -7.54
CA PHE A 150 3.44 -6.12 -8.08
C PHE A 150 3.65 -5.36 -9.39
N LEU A 151 4.72 -4.56 -9.44
CA LEU A 151 5.03 -3.77 -10.65
C LEU A 151 5.47 -4.67 -11.79
N ALA A 152 6.12 -5.79 -11.48
CA ALA A 152 6.51 -6.79 -12.47
C ALA A 152 5.36 -7.69 -12.88
N HIS A 153 4.22 -7.62 -12.19
CA HIS A 153 3.12 -8.55 -12.37
C HIS A 153 1.90 -7.87 -13.00
N ALA A 154 2.14 -6.87 -13.88
CA ALA A 154 1.04 -6.21 -14.59
C ALA A 154 0.07 -5.52 -13.63
N GLY A 155 0.60 -5.01 -12.52
CA GLY A 155 -0.27 -4.48 -11.46
C GLY A 155 -1.04 -3.24 -11.91
N LYS A 156 -2.29 -3.14 -11.44
CA LYS A 156 -3.18 -2.01 -11.64
C LYS A 156 -3.52 -1.45 -10.27
N ILE A 157 -3.51 -0.11 -10.13
CA ILE A 157 -3.86 0.55 -8.89
C ILE A 157 -5.30 1.04 -9.03
N LEU A 158 -6.17 0.61 -8.12
CA LEU A 158 -7.59 0.92 -8.19
C LEU A 158 -7.88 1.94 -7.09
N SER A 159 -8.03 3.21 -7.50
CA SER A 159 -8.29 4.28 -6.54
C SER A 159 -9.80 4.50 -6.49
N ILE A 160 -10.41 4.22 -5.34
CA ILE A 160 -11.87 4.32 -5.21
C ILE A 160 -12.18 5.47 -4.27
N GLY A 161 -12.35 6.67 -4.85
CA GLY A 161 -12.55 7.89 -4.08
C GLY A 161 -11.39 8.36 -3.26
N ALA A 162 -10.21 7.76 -3.42
CA ALA A 162 -9.01 8.13 -2.67
C ALA A 162 -8.27 9.28 -3.36
N GLY A 163 -7.48 10.00 -2.58
CA GLY A 163 -6.75 11.13 -3.10
C GLY A 163 -5.44 10.71 -3.74
N PRO A 164 -4.84 11.65 -4.47
CA PRO A 164 -3.53 11.35 -5.09
C PRO A 164 -2.43 11.06 -4.09
N ASP A 165 -2.54 11.50 -2.82
CA ASP A 165 -1.53 11.15 -1.83
C ASP A 165 -1.54 9.67 -1.44
N ALA A 166 -2.55 8.93 -1.87
CA ALA A 166 -2.78 7.56 -1.39
C ALA A 166 -1.93 6.51 -2.11
N VAL A 167 -1.21 6.89 -3.17
CA VAL A 167 -0.64 5.85 -4.05
C VAL A 167 0.67 5.27 -3.53
N THR A 168 0.56 4.24 -2.68
CA THR A 168 1.72 3.61 -2.07
C THR A 168 2.82 3.19 -3.04
N ALA A 169 2.44 2.73 -4.23
CA ALA A 169 3.45 2.23 -5.15
C ALA A 169 4.46 3.28 -5.54
N LEU A 170 4.07 4.56 -5.47
CA LEU A 170 5.04 5.60 -5.83
C LEU A 170 6.19 5.69 -4.83
N HIS A 171 6.08 5.10 -3.64
CA HIS A 171 7.27 5.02 -2.78
C HIS A 171 8.35 4.19 -3.44
N TYR A 172 8.02 3.37 -4.46
CA TYR A 172 9.06 2.66 -5.16
C TYR A 172 9.84 3.62 -6.04
N ALA A 173 9.15 4.59 -6.66
CA ALA A 173 9.83 5.61 -7.45
C ALA A 173 10.76 6.44 -6.58
N GLU A 174 10.30 6.83 -5.39
CA GLU A 174 11.18 7.52 -4.43
C GLU A 174 12.41 6.68 -4.12
N ALA A 175 12.24 5.36 -3.90
CA ALA A 175 13.38 4.54 -3.52
C ALA A 175 14.45 4.46 -4.61
N VAL A 176 14.08 4.41 -5.89
CA VAL A 176 15.09 4.19 -6.92
C VAL A 176 15.51 5.46 -7.64
N ALA A 177 14.85 6.60 -7.37
CA ALA A 177 15.17 7.85 -8.06
C ALA A 177 16.61 8.28 -7.76
N ARG A 178 17.32 8.70 -8.82
CA ARG A 178 18.72 9.10 -8.74
C ARG A 178 18.75 10.61 -8.53
N ILE A 179 18.49 10.99 -7.29
CA ILE A 179 18.38 12.39 -6.92
C ILE A 179 19.18 12.60 -5.64
N GLU A 180 19.77 13.77 -5.54
CA GLU A 180 20.54 14.09 -4.34
C GLU A 180 19.62 14.53 -3.21
N GLY A 181 20.07 14.29 -1.98
CA GLY A 181 19.38 14.76 -0.80
C GLY A 181 18.31 13.84 -0.25
N LYS A 182 18.25 12.58 -0.69
CA LYS A 182 17.19 11.67 -0.29
C LYS A 182 17.23 11.42 1.21
N ARG A 183 16.08 11.64 1.86
CA ARG A 183 15.94 11.48 3.30
C ARG A 183 15.76 10.01 3.68
N ARG A 184 16.42 9.61 4.77
CA ARG A 184 16.30 8.27 5.28
C ARG A 184 15.85 8.38 6.72
N VAL A 185 15.25 7.28 7.21
CA VAL A 185 14.82 7.20 8.61
C VAL A 185 15.39 5.93 9.22
N THR A 186 15.60 5.97 10.55
CA THR A 186 16.00 4.80 11.32
C THR A 186 14.88 4.46 12.28
N TYR A 187 14.49 3.19 12.32
CA TYR A 187 13.50 2.73 13.29
C TYR A 187 13.70 1.26 13.63
N SER A 188 12.94 0.80 14.61
CA SER A 188 13.07 -0.56 15.11
C SER A 188 11.71 -1.23 15.15
N MET A 189 11.67 -2.52 14.80
CA MET A 189 10.47 -3.33 14.80
C MET A 189 10.70 -4.62 15.57
N PRO A 190 9.69 -5.04 16.33
CA PRO A 190 9.80 -6.31 17.06
C PRO A 190 9.24 -7.46 16.24
N LEU A 191 10.08 -8.39 15.81
CA LEU A 191 9.64 -9.51 14.99
C LEU A 191 9.48 -10.78 15.81
N LEU A 192 8.71 -11.73 15.28
CA LEU A 192 8.66 -13.07 15.85
C LEU A 192 9.67 -13.93 15.12
N ARG A 193 10.66 -14.44 15.84
CA ARG A 193 11.62 -15.39 15.29
C ARG A 193 11.57 -16.65 16.14
N GLU A 194 10.98 -17.71 15.56
CA GLU A 194 10.74 -18.98 16.26
C GLU A 194 9.82 -18.76 17.47
N GLY A 195 8.94 -17.77 17.38
CA GLY A 195 8.07 -17.51 18.49
C GLY A 195 8.72 -16.78 19.65
N LYS A 196 9.91 -16.24 19.46
CA LYS A 196 10.50 -15.31 20.41
C LYS A 196 10.50 -13.91 19.78
N ARG A 197 10.31 -12.88 20.61
CA ARG A 197 10.37 -11.50 20.14
C ARG A 197 11.83 -11.09 19.93
N VAL A 198 12.13 -10.60 18.73
CA VAL A 198 13.47 -10.13 18.38
C VAL A 198 13.32 -8.72 17.82
N TRP A 199 14.03 -7.77 18.42
CA TRP A 199 14.02 -6.38 17.98
C TRP A 199 15.03 -6.20 16.86
N VAL A 200 14.57 -5.66 15.74
CA VAL A 200 15.43 -5.43 14.58
C VAL A 200 15.44 -3.93 14.29
N THR A 201 16.65 -3.35 14.17
CA THR A 201 16.81 -1.95 13.86
C THR A 201 17.33 -1.81 12.43
N THR A 202 16.75 -0.87 11.68
CA THR A 202 17.05 -0.74 10.25
C THR A 202 16.90 0.73 9.84
N SER A 203 17.50 1.08 8.69
CA SER A 203 17.26 2.34 8.02
C SER A 203 16.54 2.02 6.72
N ASP A 204 15.78 2.99 6.26
CA ASP A 204 15.12 2.93 4.95
C ASP A 204 14.85 4.36 4.48
N TRP A 205 14.36 4.48 3.23
CA TRP A 205 13.94 5.77 2.73
C TRP A 205 12.79 6.29 3.56
N ASP A 206 12.82 7.58 3.84
CA ASP A 206 11.74 8.28 4.52
C ASP A 206 10.49 8.23 3.65
N SER A 207 9.44 7.55 4.12
CA SER A 207 8.20 7.49 3.35
C SER A 207 7.25 8.61 3.72
N ASN A 208 7.68 9.55 4.56
CA ASN A 208 6.90 10.77 4.80
C ASN A 208 7.56 11.99 4.17
N GLY A 209 8.30 11.81 3.08
CA GLY A 209 8.96 12.91 2.39
C GLY A 209 10.34 12.52 1.91
N ILE A 210 10.53 12.35 0.61
CA ILE A 210 11.83 11.87 0.16
C ILE A 210 12.85 13.02 0.15
N LEU A 211 12.37 14.25 0.06
CA LEU A 211 13.22 15.45 0.17
C LEU A 211 12.57 16.44 1.12
N ASP A 212 13.39 17.37 1.65
CA ASP A 212 12.89 18.32 2.63
C ASP A 212 11.66 19.07 2.15
N GLU A 213 11.63 19.46 0.87
CA GLU A 213 10.50 20.23 0.36
C GLU A 213 9.21 19.42 0.30
N TYR A 214 9.29 18.09 0.37
CA TYR A 214 8.11 17.22 0.39
C TYR A 214 7.77 16.70 1.78
N ALA A 215 8.49 17.14 2.82
CA ALA A 215 8.34 16.55 4.14
C ALA A 215 7.47 17.37 5.08
N ALA A 216 6.86 18.46 4.60
CA ALA A 216 5.91 19.20 5.42
C ALA A 216 4.77 18.27 5.84
N PRO A 217 4.47 18.17 7.14
CA PRO A 217 3.54 17.12 7.60
C PRO A 217 2.17 17.18 6.98
N ASP A 218 1.73 18.37 6.53
CA ASP A 218 0.45 18.52 5.86
C ASP A 218 0.52 18.26 4.36
N GLY A 219 1.72 18.15 3.79
CA GLY A 219 1.88 17.95 2.38
C GLY A 219 1.95 19.27 1.62
N PRO A 220 1.89 19.22 0.27
CA PRO A 220 1.85 17.96 -0.49
C PRO A 220 3.19 17.23 -0.50
N ASP A 221 3.18 15.92 -0.30
CA ASP A 221 4.42 15.16 -0.44
C ASP A 221 4.65 14.87 -1.94
N ALA A 222 5.74 14.19 -2.25
CA ALA A 222 6.06 13.92 -3.65
C ALA A 222 5.06 12.93 -4.25
N VAL A 223 4.51 11.99 -3.47
CA VAL A 223 3.54 11.05 -4.04
C VAL A 223 2.34 11.80 -4.55
N GLU A 224 1.83 12.73 -3.74
CA GLU A 224 0.68 13.54 -4.17
C GLU A 224 1.03 14.35 -5.40
N ARG A 225 2.21 14.98 -5.42
CA ARG A 225 2.48 15.86 -6.56
C ARG A 225 2.68 15.06 -7.84
N ILE A 226 3.32 13.90 -7.75
CA ILE A 226 3.53 13.08 -8.93
C ILE A 226 2.17 12.61 -9.45
N ALA A 227 1.35 12.05 -8.55
CA ALA A 227 0.09 11.47 -8.99
C ALA A 227 -0.84 12.51 -9.57
N ARG A 228 -0.86 13.69 -8.96
CA ARG A 228 -1.69 14.78 -9.47
C ARG A 228 -1.27 15.20 -10.89
N ASP A 229 0.03 15.25 -11.14
CA ASP A 229 0.55 15.60 -12.46
C ASP A 229 0.29 14.46 -13.46
N TYR A 230 0.49 13.22 -13.01
CA TYR A 230 0.22 12.08 -13.88
C TYR A 230 -1.24 12.07 -14.34
N LEU A 231 -2.19 12.30 -13.40
CA LEU A 231 -3.58 12.14 -13.79
C LEU A 231 -4.06 13.27 -14.68
N ALA A 232 -3.38 14.44 -14.62
CA ALA A 232 -3.67 15.53 -15.53
C ALA A 232 -3.07 15.32 -16.92
N ARG A 233 -2.20 14.32 -17.08
CA ARG A 233 -1.41 14.10 -18.29
C ARG A 233 -1.65 12.76 -18.98
N THR A 234 -2.59 11.94 -18.51
CA THR A 234 -2.69 10.55 -18.94
C THR A 234 -4.15 10.16 -19.09
N ARG A 235 -4.44 9.36 -20.12
CA ARG A 235 -5.76 8.72 -20.25
C ARG A 235 -5.83 7.57 -19.26
N VAL A 236 -6.77 7.62 -18.34
CA VAL A 236 -6.98 6.63 -17.27
C VAL A 236 -8.47 6.44 -17.17
N ALA A 237 -8.93 5.18 -17.15
CA ALA A 237 -10.36 4.96 -17.01
C ALA A 237 -10.86 5.52 -15.69
N GLN A 238 -11.95 6.27 -15.76
CA GLN A 238 -12.57 6.91 -14.61
C GLN A 238 -14.06 6.58 -14.62
N GLY A 239 -14.63 6.31 -13.46
CA GLY A 239 -16.02 5.92 -13.39
C GLY A 239 -16.43 5.69 -11.95
N PRO A 240 -17.72 5.43 -11.70
CA PRO A 240 -18.17 5.22 -10.34
C PRO A 240 -17.95 3.78 -9.87
N VAL A 241 -17.54 3.64 -8.60
CA VAL A 241 -17.67 2.40 -7.84
C VAL A 241 -18.44 2.76 -6.58
N GLY A 242 -19.65 2.20 -6.45
CA GLY A 242 -20.57 2.78 -5.48
C GLY A 242 -20.83 4.23 -5.84
N GLY A 243 -20.80 5.08 -4.81
CA GLY A 243 -20.93 6.51 -5.01
C GLY A 243 -19.62 7.25 -5.26
N ALA A 244 -18.50 6.54 -5.41
CA ALA A 244 -17.17 7.12 -5.38
C ALA A 244 -16.60 7.26 -6.79
N GLN A 245 -16.03 8.44 -7.10
CA GLN A 245 -15.22 8.58 -8.30
C GLN A 245 -13.96 7.77 -8.19
N SER A 246 -13.74 6.91 -9.17
CA SER A 246 -12.72 5.88 -9.12
C SER A 246 -11.89 5.93 -10.39
N ARG A 247 -10.65 5.46 -10.30
CA ARG A 247 -9.75 5.40 -11.44
C ARG A 247 -9.01 4.07 -11.36
N LEU A 248 -8.58 3.57 -12.52
CA LEU A 248 -7.81 2.33 -12.62
C LEU A 248 -6.52 2.64 -13.35
N ILE A 249 -5.40 2.57 -12.65
CA ILE A 249 -4.11 3.10 -13.09
C ILE A 249 -3.12 1.98 -13.38
N ASP A 250 -2.40 2.08 -14.50
N ASP A 250 -2.37 2.12 -14.48
CA ASP A 250 -1.33 1.12 -14.76
CA ASP A 250 -1.27 1.22 -14.82
C ASP A 250 -0.16 1.44 -13.85
C ASP A 250 -0.11 1.46 -13.86
N ALA A 251 0.13 0.51 -12.93
CA ALA A 251 1.13 0.79 -11.89
C ALA A 251 2.53 0.99 -12.46
N ALA A 252 2.96 0.14 -13.40
CA ALA A 252 4.31 0.32 -13.93
C ALA A 252 4.44 1.67 -14.61
N ASP A 253 3.36 2.14 -15.23
CA ASP A 253 3.42 3.39 -15.97
C ASP A 253 3.52 4.56 -15.01
N ILE A 254 2.73 4.53 -13.93
CA ILE A 254 2.80 5.70 -13.02
C ILE A 254 4.13 5.70 -12.31
N VAL A 255 4.67 4.53 -11.97
CA VAL A 255 5.98 4.51 -11.28
C VAL A 255 7.10 4.97 -12.20
N SER A 256 7.10 4.54 -13.47
N SER A 256 7.10 4.53 -13.47
CA SER A 256 8.09 5.05 -14.41
CA SER A 256 8.07 5.04 -14.44
C SER A 256 7.97 6.57 -14.59
C SER A 256 7.97 6.55 -14.58
N PHE A 257 6.75 7.06 -14.72
CA PHE A 257 6.53 8.51 -14.72
C PHE A 257 7.12 9.17 -13.47
N GLY A 258 6.89 8.58 -12.30
CA GLY A 258 7.35 9.21 -11.07
C GLY A 258 8.86 9.26 -10.98
N ILE A 259 9.53 8.21 -11.46
CA ILE A 259 10.99 8.19 -11.47
C ILE A 259 11.50 9.32 -12.34
N GLU A 260 10.94 9.45 -13.54
CA GLU A 260 11.33 10.55 -14.45
C GLU A 260 10.98 11.91 -13.87
N TRP A 261 9.81 12.03 -13.24
CA TRP A 261 9.40 13.28 -12.62
C TRP A 261 10.40 13.77 -11.58
N LEU A 262 10.82 12.88 -10.68
CA LEU A 262 11.80 13.26 -9.65
C LEU A 262 13.16 13.57 -10.28
N GLU A 263 13.61 12.74 -11.25
CA GLU A 263 14.95 12.94 -11.80
C GLU A 263 15.02 14.17 -12.67
N ALA A 264 13.89 14.61 -13.22
CA ALA A 264 13.88 15.86 -14.00
C ALA A 264 14.07 17.06 -13.08
N ARG A 265 13.57 16.98 -11.85
CA ARG A 265 13.48 18.14 -10.98
C ARG A 265 14.64 18.27 -10.02
N HIS A 266 15.43 17.24 -9.82
CA HIS A 266 16.44 17.25 -8.78
C HIS A 266 17.76 16.73 -9.36
N ALA A 267 18.82 17.49 -9.17
CA ALA A 267 20.12 17.14 -9.76
C ALA A 267 20.57 15.77 -9.27
N ALA A 268 21.40 15.13 -10.10
CA ALA A 268 22.04 13.86 -9.77
C ALA A 268 23.50 14.08 -9.34
MG MG B . -0.98 -15.93 -12.12
MG MG C . -6.32 -15.30 8.46
#